data_2L8Q
#
_entry.id   2L8Q
#
loop_
_entity.id
_entity.type
_entity.pdbx_description
1 polymer "DNA (5'-D(*CP*GP*CP*AP*TP*GP*CP*TP*AP*CP*GP*C)-3')"
2 polymer "DNA (5'-D(*GP*CP*GP*TP*AP*GP*CP*AP*TP*GP*CP*G)-3')"
#
loop_
_entity_poly.entity_id
_entity_poly.type
_entity_poly.pdbx_seq_one_letter_code
_entity_poly.pdbx_strand_id
1 'polydeoxyribonucleotide' (DC)(DG)(DC)(DA)(DT)(DG)(DC)(DT)(DA)(DC)(DG)(DC) A
2 'polydeoxyribonucleotide' (DG)(DC)(DG)(DT)(DA)(DG)(DC)(DA)(DT)(DG)(DC)(DG) B
#
loop_
_chem_comp.id
_chem_comp.type
_chem_comp.name
_chem_comp.formula
DA DNA linking 2'-DEOXYADENOSINE-5'-MONOPHOSPHATE 'C10 H14 N5 O6 P'
DC DNA linking 2'-DEOXYCYTIDINE-5'-MONOPHOSPHATE 'C9 H14 N3 O7 P'
DG DNA linking 2'-DEOXYGUANOSINE-5'-MONOPHOSPHATE 'C10 H14 N5 O7 P'
DT DNA linking THYMIDINE-5'-MONOPHOSPHATE 'C10 H15 N2 O8 P'
#